data_5LUR
#
_entry.id   5LUR
#
_cell.length_a   76.130
_cell.length_b   80.350
_cell.length_c   43.420
_cell.angle_alpha   90.00
_cell.angle_beta   90.00
_cell.angle_gamma   90.00
#
_symmetry.space_group_name_H-M   'P 21 21 2'
#
loop_
_entity.id
_entity.type
_entity.pdbx_description
1 polymer Avidin
2 non-polymer PROGESTERONE
3 non-polymer 'CHLORIDE ION'
4 water water
#
_entity_poly.entity_id   1
_entity_poly.type   'polypeptide(L)'
_entity_poly.pdbx_seq_one_letter_code
;QTVNARKCSLTGKWTNRMNHNMTIGAVNSRGEFTGTYIATVNATSNEIKESPLHGTQNTINKRTQPTFGFTVNWKFSEST
TVFTGQCFIDRNGKEVLKTMWLLRSSVNDIGDDWKATRVGYNIFTRLRTQKEHHHHHH
;
_entity_poly.pdbx_strand_id   A,B
#
loop_
_chem_comp.id
_chem_comp.type
_chem_comp.name
_chem_comp.formula
CL non-polymer 'CHLORIDE ION' 'Cl -1'
STR non-polymer PROGESTERONE 'C21 H30 O2'
#
# COMPACT_ATOMS: atom_id res chain seq x y z
N ARG A 6 -4.27 -22.82 -16.87
CA ARG A 6 -3.27 -21.72 -16.84
C ARG A 6 -3.19 -21.03 -15.45
N LYS A 7 -2.24 -21.48 -14.62
CA LYS A 7 -2.14 -21.13 -13.17
C LYS A 7 -0.96 -20.22 -12.81
N CYS A 8 -1.13 -19.45 -11.74
CA CYS A 8 -0.11 -18.53 -11.23
C CYS A 8 0.58 -19.25 -10.07
N SER A 9 1.88 -19.50 -10.21
CA SER A 9 2.61 -20.16 -9.14
C SER A 9 3.60 -19.25 -8.45
N LEU A 10 3.78 -19.48 -7.16
CA LEU A 10 4.77 -18.72 -6.38
C LEU A 10 6.24 -19.06 -6.74
N THR A 11 6.48 -20.27 -7.23
CA THR A 11 7.82 -20.79 -7.47
C THR A 11 8.58 -19.98 -8.51
N GLY A 12 9.84 -19.62 -8.21
CA GLY A 12 10.69 -18.89 -9.14
C GLY A 12 11.38 -17.65 -8.62
N LYS A 13 11.85 -16.81 -9.55
CA LYS A 13 12.56 -15.60 -9.25
C LYS A 13 11.67 -14.42 -9.50
N TRP A 14 11.65 -13.50 -8.53
CA TRP A 14 10.81 -12.31 -8.58
C TRP A 14 11.60 -11.04 -8.27
N THR A 15 11.17 -9.92 -8.85
CA THR A 15 11.78 -8.61 -8.62
C THR A 15 10.67 -7.60 -8.47
N ASN A 16 11.01 -6.42 -7.99
CA ASN A 16 10.05 -5.32 -7.85
C ASN A 16 10.68 -4.03 -8.37
N ARG A 17 10.02 -2.90 -8.19
CA ARG A 17 10.56 -1.61 -8.67
C ARG A 17 11.78 -1.06 -7.88
N MET A 18 12.27 -1.81 -6.88
CA MET A 18 13.48 -1.48 -6.15
C MET A 18 14.65 -2.43 -6.39
N ASN A 19 14.52 -3.33 -7.36
CA ASN A 19 15.57 -4.33 -7.68
C ASN A 19 15.94 -5.30 -6.58
N HIS A 20 14.95 -5.60 -5.73
CA HIS A 20 15.05 -6.74 -4.86
C HIS A 20 14.87 -7.94 -5.73
N ASN A 21 15.41 -9.07 -5.30
CA ASN A 21 15.22 -10.34 -5.98
C ASN A 21 14.79 -11.28 -4.90
N MET A 22 13.63 -11.86 -5.09
CA MET A 22 13.06 -12.81 -4.18
C MET A 22 13.00 -14.12 -4.96
N THR A 23 13.40 -15.21 -4.33
CA THR A 23 13.44 -16.53 -4.99
C THR A 23 12.68 -17.55 -4.16
N ILE A 24 11.69 -18.19 -4.77
CA ILE A 24 10.79 -19.08 -4.03
C ILE A 24 10.89 -20.48 -4.56
N GLY A 25 11.05 -21.43 -3.62
CA GLY A 25 11.22 -22.83 -3.96
C GLY A 25 9.92 -23.49 -4.36
N ALA A 26 9.88 -24.80 -4.19
CA ALA A 26 8.75 -25.57 -4.62
C ALA A 26 7.68 -25.34 -3.60
N VAL A 27 6.45 -25.16 -4.08
CA VAL A 27 5.27 -25.11 -3.24
C VAL A 27 4.82 -26.56 -3.05
N ASN A 28 4.80 -27.07 -1.83
CA ASN A 28 4.40 -28.49 -1.61
C ASN A 28 2.86 -28.67 -1.69
N SER A 29 2.38 -29.88 -1.37
CA SER A 29 0.95 -30.27 -1.43
C SER A 29 0.04 -29.51 -0.48
N ARG A 30 0.62 -29.03 0.63
CA ARG A 30 -0.06 -28.19 1.61
C ARG A 30 0.17 -26.69 1.38
N GLY A 31 0.74 -26.32 0.24
CA GLY A 31 1.00 -24.92 -0.05
C GLY A 31 2.20 -24.28 0.61
N GLU A 32 2.98 -25.03 1.40
CA GLU A 32 4.16 -24.46 2.07
C GLU A 32 5.26 -24.23 1.06
N PHE A 33 6.11 -23.26 1.40
CA PHE A 33 7.25 -22.91 0.61
C PHE A 33 8.24 -22.08 1.44
N THR A 34 9.44 -21.99 0.93
CA THR A 34 10.54 -21.30 1.56
C THR A 34 11.20 -20.53 0.47
N GLY A 35 12.08 -19.61 0.81
CA GLY A 35 12.82 -18.95 -0.24
C GLY A 35 13.80 -17.99 0.32
N THR A 36 14.14 -17.00 -0.48
CA THR A 36 15.16 -16.05 -0.10
C THR A 36 14.75 -14.66 -0.55
N TYR A 37 15.04 -13.64 0.26
CA TYR A 37 14.88 -12.26 -0.12
C TYR A 37 16.23 -11.55 -0.14
N ILE A 38 16.65 -11.17 -1.34
CA ILE A 38 17.92 -10.47 -1.55
C ILE A 38 17.59 -8.99 -1.69
N ALA A 39 18.30 -8.12 -0.97
CA ALA A 39 18.10 -6.68 -1.13
C ALA A 39 19.33 -5.83 -0.82
N THR A 40 19.49 -4.74 -1.59
CA THR A 40 20.52 -3.73 -1.31
C THR A 40 20.21 -3.07 0.04
N VAL A 41 21.25 -2.84 0.84
CA VAL A 41 21.09 -2.55 2.27
C VAL A 41 21.95 -1.38 2.73
N ASN A 46 27.47 -0.49 -3.34
CA ASN A 46 26.26 -1.19 -3.71
C ASN A 46 26.22 -2.57 -3.02
N GLU A 47 25.70 -2.62 -1.79
CA GLU A 47 25.88 -3.75 -0.84
C GLU A 47 24.61 -4.62 -0.64
N ILE A 48 24.78 -5.95 -0.75
CA ILE A 48 23.66 -6.91 -0.85
C ILE A 48 23.57 -7.85 0.36
N LYS A 49 22.38 -7.98 0.95
CA LYS A 49 22.13 -8.96 2.00
C LYS A 49 20.94 -9.84 1.68
N GLU A 50 20.94 -11.04 2.27
CA GLU A 50 20.12 -12.15 1.82
C GLU A 50 19.52 -12.91 3.01
N SER A 51 18.19 -12.86 3.14
CA SER A 51 17.53 -13.40 4.31
C SER A 51 16.51 -14.45 3.94
N PRO A 52 16.33 -15.46 4.82
CA PRO A 52 15.31 -16.48 4.59
C PRO A 52 13.89 -15.98 4.71
N LEU A 53 12.99 -16.64 3.99
CA LEU A 53 11.53 -16.42 4.14
C LEU A 53 10.80 -17.75 4.12
N HIS A 54 9.64 -17.79 4.77
CA HIS A 54 8.82 -19.00 4.92
C HIS A 54 7.38 -18.57 4.86
N GLY A 55 6.55 -19.32 4.13
CA GLY A 55 5.10 -19.12 4.23
C GLY A 55 4.25 -20.04 3.39
N THR A 56 3.00 -19.67 3.19
CA THR A 56 2.06 -20.52 2.48
C THR A 56 1.31 -19.80 1.34
N GLN A 57 0.82 -20.60 0.40
CA GLN A 57 -0.23 -20.16 -0.50
C GLN A 57 -1.46 -21.01 -0.28
N ASN A 58 -2.60 -20.40 -0.56
CA ASN A 58 -3.87 -21.04 -0.31
C ASN A 58 -4.09 -22.07 -1.39
N THR A 59 -4.73 -23.15 -0.97
CA THR A 59 -5.04 -24.33 -1.78
C THR A 59 -6.56 -24.65 -1.86
N ILE A 60 -7.37 -24.01 -1.01
CA ILE A 60 -8.82 -24.22 -1.01
C ILE A 60 -9.40 -23.80 -2.36
N ASN A 61 -10.08 -24.75 -3.01
CA ASN A 61 -10.59 -24.62 -4.40
C ASN A 61 -9.53 -24.46 -5.51
N LYS A 62 -8.27 -24.82 -5.22
CA LYS A 62 -7.24 -24.97 -6.26
C LYS A 62 -7.40 -23.82 -7.26
N ARG A 63 -7.18 -22.61 -6.77
CA ARG A 63 -7.46 -21.40 -7.55
C ARG A 63 -6.34 -21.08 -8.51
N THR A 64 -6.68 -20.56 -9.68
CA THR A 64 -5.68 -20.18 -10.65
C THR A 64 -4.92 -18.94 -10.19
N GLN A 65 -5.52 -18.12 -9.30
CA GLN A 65 -4.87 -16.92 -8.76
C GLN A 65 -4.88 -16.91 -7.21
N PRO A 66 -4.07 -17.76 -6.60
CA PRO A 66 -4.22 -18.00 -5.14
C PRO A 66 -3.76 -16.83 -4.27
N THR A 67 -4.31 -16.72 -3.05
CA THR A 67 -3.76 -15.76 -2.07
C THR A 67 -2.58 -16.45 -1.44
N PHE A 68 -1.73 -15.67 -0.78
CA PHE A 68 -0.58 -16.26 -0.09
C PHE A 68 -0.06 -15.27 0.97
N GLY A 69 0.89 -15.74 1.78
CA GLY A 69 1.57 -14.91 2.76
C GLY A 69 2.94 -15.47 3.15
N PHE A 70 3.87 -14.59 3.49
CA PHE A 70 5.15 -15.03 4.00
C PHE A 70 5.83 -14.08 4.96
N THR A 71 6.77 -14.63 5.71
CA THR A 71 7.51 -13.88 6.73
C THR A 71 8.96 -13.86 6.30
N VAL A 72 9.55 -12.69 6.25
CA VAL A 72 10.97 -12.55 5.99
C VAL A 72 11.65 -12.28 7.31
N ASN A 73 12.63 -13.12 7.64
CA ASN A 73 13.37 -13.04 8.87
C ASN A 73 14.72 -12.43 8.58
N TRP A 74 14.79 -11.11 8.66
CA TRP A 74 16.00 -10.38 8.23
C TRP A 74 17.27 -10.76 8.99
N LYS A 75 18.32 -11.12 8.23
CA LYS A 75 19.65 -11.52 8.79
C LYS A 75 20.49 -10.37 9.41
N PHE A 76 20.23 -9.14 8.98
CA PHE A 76 21.08 -8.01 9.35
C PHE A 76 20.38 -7.07 10.33
N SER A 77 19.23 -7.47 10.88
CA SER A 77 18.35 -6.56 11.63
C SER A 77 17.54 -7.35 12.65
N GLU A 78 17.04 -6.65 13.68
CA GLU A 78 16.10 -7.27 14.64
C GLU A 78 14.64 -7.23 14.19
N SER A 79 14.37 -6.61 13.04
CA SER A 79 13.02 -6.48 12.53
C SER A 79 12.49 -7.76 11.91
N THR A 80 11.19 -7.73 11.64
CA THR A 80 10.53 -8.80 10.92
C THR A 80 9.54 -8.15 9.97
N THR A 81 9.36 -8.72 8.79
CA THR A 81 8.39 -8.18 7.86
C THR A 81 7.50 -9.31 7.39
N VAL A 82 6.19 -9.08 7.32
CA VAL A 82 5.29 -10.06 6.72
C VAL A 82 4.65 -9.49 5.46
N PHE A 83 4.55 -10.30 4.42
CA PHE A 83 3.87 -9.94 3.15
C PHE A 83 2.64 -10.78 2.94
N THR A 84 1.56 -10.18 2.45
CA THR A 84 0.44 -10.97 1.95
C THR A 84 -0.07 -10.41 0.62
N GLY A 85 -0.71 -11.25 -0.15
CA GLY A 85 -1.27 -10.77 -1.41
C GLY A 85 -1.78 -11.90 -2.24
N GLN A 86 -1.89 -11.63 -3.54
CA GLN A 86 -2.47 -12.57 -4.51
C GLN A 86 -1.61 -12.69 -5.78
N CYS A 87 -1.59 -13.89 -6.38
CA CYS A 87 -0.82 -14.16 -7.58
C CYS A 87 -1.79 -14.09 -8.71
N PHE A 88 -1.77 -12.97 -9.44
CA PHE A 88 -2.72 -12.70 -10.56
C PHE A 88 -2.08 -12.96 -11.94
N ILE A 89 -2.93 -13.31 -12.91
CA ILE A 89 -2.58 -13.31 -14.31
C ILE A 89 -3.11 -12.01 -14.79
N ASP A 90 -2.23 -11.19 -15.33
CA ASP A 90 -2.58 -9.85 -15.78
C ASP A 90 -3.22 -9.91 -17.20
N ARG A 91 -3.66 -8.77 -17.72
CA ARG A 91 -4.33 -8.73 -19.04
C ARG A 91 -3.42 -9.20 -20.20
N ASN A 92 -2.13 -8.95 -20.04
CA ASN A 92 -1.11 -9.28 -21.05
C ASN A 92 -0.56 -10.70 -20.88
N GLY A 93 -1.18 -11.47 -20.00
CA GLY A 93 -0.71 -12.80 -19.69
C GLY A 93 0.46 -12.88 -18.72
N LYS A 94 0.95 -11.75 -18.20
CA LYS A 94 2.08 -11.77 -17.23
C LYS A 94 1.57 -12.07 -15.82
N GLU A 95 2.34 -12.89 -15.11
CA GLU A 95 2.10 -13.18 -13.70
C GLU A 95 2.66 -12.07 -12.84
N VAL A 96 1.83 -11.55 -11.94
CA VAL A 96 2.25 -10.49 -11.05
C VAL A 96 1.75 -10.77 -9.64
N LEU A 97 2.61 -10.52 -8.66
CA LEU A 97 2.23 -10.58 -7.26
C LEU A 97 1.91 -9.15 -6.81
N LYS A 98 0.68 -8.90 -6.37
CA LYS A 98 0.33 -7.61 -5.73
C LYS A 98 0.31 -7.91 -4.23
N THR A 99 1.12 -7.20 -3.47
CA THR A 99 1.35 -7.49 -2.07
C THR A 99 1.23 -6.23 -1.25
N MET A 100 0.85 -6.43 0.01
CA MET A 100 1.01 -5.43 1.05
C MET A 100 1.75 -6.08 2.16
N TRP A 101 2.46 -5.25 2.93
CA TRP A 101 3.30 -5.74 3.97
C TRP A 101 3.24 -4.96 5.26
N LEU A 102 3.70 -5.59 6.34
CA LEU A 102 3.88 -4.92 7.64
C LEU A 102 5.29 -5.14 8.11
N LEU A 103 5.99 -4.08 8.44
CA LEU A 103 7.33 -4.18 8.92
C LEU A 103 7.37 -3.84 10.39
N ARG A 104 7.73 -4.84 11.20
CA ARG A 104 7.81 -4.71 12.65
C ARG A 104 9.22 -4.41 13.09
N SER A 105 9.40 -3.31 13.80
CA SER A 105 10.68 -2.96 14.41
C SER A 105 10.76 -3.49 15.84
N SER A 106 11.97 -3.65 16.33
CA SER A 106 12.19 -4.00 17.74
C SER A 106 12.17 -2.75 18.57
N VAL A 107 11.28 -2.71 19.57
CA VAL A 107 11.36 -1.70 20.66
C VAL A 107 11.58 -2.32 22.05
N ASN A 108 12.11 -1.53 22.98
CA ASN A 108 12.50 -2.00 24.30
C ASN A 108 11.33 -2.07 25.30
N ASP A 109 10.49 -1.07 25.33
CA ASP A 109 9.38 -1.03 26.28
C ASP A 109 8.05 -1.19 25.53
N ILE A 110 7.16 -1.99 26.08
CA ILE A 110 5.80 -2.14 25.55
C ILE A 110 5.04 -0.82 25.32
N GLY A 111 5.41 0.24 26.02
CA GLY A 111 4.88 1.59 25.75
C GLY A 111 5.25 2.23 24.42
N ASP A 112 6.35 1.78 23.81
CA ASP A 112 6.71 2.17 22.44
C ASP A 112 6.08 1.28 21.35
N ASP A 113 5.19 0.36 21.70
CA ASP A 113 4.68 -0.57 20.71
C ASP A 113 3.99 0.14 19.52
N TRP A 114 3.28 1.22 19.84
CA TRP A 114 2.51 2.00 18.87
C TRP A 114 3.34 2.52 17.68
N LYS A 115 4.61 2.76 17.90
CA LYS A 115 5.45 3.29 16.84
C LYS A 115 6.29 2.26 16.11
N ALA A 116 6.01 0.99 16.35
CA ALA A 116 6.86 -0.09 15.87
C ALA A 116 6.44 -0.75 14.52
N THR A 117 5.30 -0.35 13.96
CA THR A 117 4.74 -1.09 12.83
C THR A 117 4.48 -0.20 11.62
N ARG A 118 5.20 -0.52 10.54
CA ARG A 118 5.00 0.13 9.25
C ARG A 118 4.21 -0.73 8.33
N VAL A 119 3.61 -0.05 7.36
CA VAL A 119 2.81 -0.67 6.32
C VAL A 119 3.26 -0.08 4.99
N GLY A 120 3.30 -0.92 3.95
CA GLY A 120 3.49 -0.45 2.59
C GLY A 120 2.99 -1.49 1.63
N TYR A 121 3.43 -1.39 0.38
CA TYR A 121 2.97 -2.29 -0.71
C TYR A 121 4.17 -2.66 -1.58
N ASN A 122 3.99 -3.72 -2.37
CA ASN A 122 4.98 -4.09 -3.37
C ASN A 122 4.35 -4.87 -4.45
N ILE A 123 4.77 -4.59 -5.69
CA ILE A 123 4.34 -5.35 -6.86
C ILE A 123 5.54 -6.10 -7.42
N PHE A 124 5.44 -7.42 -7.48
CA PHE A 124 6.49 -8.26 -8.05
C PHE A 124 6.14 -8.83 -9.43
N THR A 125 7.14 -8.93 -10.27
CA THR A 125 7.00 -9.59 -11.56
C THR A 125 8.21 -10.50 -11.71
N ARG A 126 8.09 -11.46 -12.61
CA ARG A 126 9.18 -12.41 -12.89
C ARG A 126 10.39 -11.74 -13.51
N LEU A 127 11.54 -12.37 -13.28
CA LEU A 127 12.84 -11.79 -13.56
C LEU A 127 13.60 -12.59 -14.61
N LYS B 7 8.25 24.52 -4.52
CA LYS B 7 7.13 24.20 -3.58
C LYS B 7 6.10 23.27 -4.23
N CYS B 8 5.69 22.26 -3.48
CA CYS B 8 4.71 21.25 -3.88
C CYS B 8 3.41 21.59 -3.13
N SER B 9 2.35 21.94 -3.87
CA SER B 9 1.08 22.37 -3.24
C SER B 9 -0.04 21.45 -3.69
N LEU B 10 -0.94 21.18 -2.75
CA LEU B 10 -2.06 20.31 -3.00
C LEU B 10 -3.19 20.96 -3.79
N THR B 11 -3.20 22.29 -3.85
CA THR B 11 -4.18 23.01 -4.65
C THR B 11 -4.10 22.60 -6.12
N GLY B 12 -5.28 22.42 -6.73
CA GLY B 12 -5.43 22.03 -8.10
C GLY B 12 -6.11 20.69 -8.31
N LYS B 13 -5.82 20.08 -9.47
CA LYS B 13 -6.54 18.92 -9.98
C LYS B 13 -5.58 17.74 -10.16
N TRP B 14 -6.02 16.58 -9.70
CA TRP B 14 -5.20 15.39 -9.63
C TRP B 14 -5.96 14.19 -10.14
N THR B 15 -5.21 13.21 -10.60
CA THR B 15 -5.77 11.96 -11.10
C THR B 15 -4.83 10.84 -10.67
N ASN B 16 -5.28 9.59 -10.78
CA ASN B 16 -4.45 8.43 -10.43
C ASN B 16 -4.57 7.34 -11.49
N ARG B 17 -3.94 6.19 -11.26
CA ARG B 17 -4.09 5.06 -12.19
C ARG B 17 -5.53 4.53 -12.39
N MET B 18 -6.45 4.81 -11.46
CA MET B 18 -7.86 4.42 -11.63
C MET B 18 -8.72 5.47 -12.33
N ASN B 19 -8.13 6.42 -13.05
CA ASN B 19 -8.90 7.48 -13.72
C ASN B 19 -9.74 8.30 -12.74
N HIS B 20 -9.30 8.43 -11.49
CA HIS B 20 -10.02 9.31 -10.57
C HIS B 20 -9.69 10.77 -10.84
N ASN B 21 -10.54 11.62 -10.29
CA ASN B 21 -10.48 13.07 -10.48
C ASN B 21 -10.61 13.72 -9.13
N MET B 22 -9.51 14.27 -8.63
CA MET B 22 -9.50 14.90 -7.34
C MET B 22 -9.14 16.37 -7.52
N THR B 23 -9.98 17.24 -6.99
CA THR B 23 -9.80 18.67 -7.05
C THR B 23 -9.73 19.24 -5.64
N ILE B 24 -8.69 20.04 -5.38
CA ILE B 24 -8.48 20.66 -4.09
C ILE B 24 -8.37 22.17 -4.26
N GLY B 25 -8.99 22.90 -3.34
CA GLY B 25 -9.05 24.35 -3.39
C GLY B 25 -7.80 24.97 -2.84
N ALA B 26 -7.90 26.23 -2.44
CA ALA B 26 -6.76 26.96 -1.92
C ALA B 26 -6.47 26.48 -0.51
N VAL B 27 -5.22 26.28 -0.21
CA VAL B 27 -4.80 26.03 1.15
C VAL B 27 -4.58 27.37 1.85
N ASN B 28 -5.28 27.55 2.97
CA ASN B 28 -5.02 28.71 3.80
C ASN B 28 -3.66 28.62 4.52
N SER B 29 -3.39 29.57 5.41
CA SER B 29 -2.07 29.68 6.07
C SER B 29 -1.87 28.66 7.20
N ARG B 30 -2.94 28.13 7.75
CA ARG B 30 -2.87 27.08 8.77
C ARG B 30 -2.75 25.69 8.15
N GLY B 31 -2.85 25.60 6.84
CA GLY B 31 -2.72 24.33 6.12
C GLY B 31 -4.02 23.68 5.70
N GLU B 32 -5.16 24.32 6.00
CA GLU B 32 -6.45 23.66 5.82
C GLU B 32 -6.83 23.76 4.38
N PHE B 33 -7.54 22.73 3.90
CA PHE B 33 -8.13 22.73 2.57
C PHE B 33 -9.40 21.89 2.46
N THR B 34 -10.11 22.20 1.38
CA THR B 34 -11.34 21.55 1.02
C THR B 34 -11.20 21.14 -0.42
N GLY B 35 -12.00 20.16 -0.84
CA GLY B 35 -12.04 19.80 -2.23
C GLY B 35 -13.09 18.77 -2.58
N THR B 36 -12.88 18.13 -3.73
CA THR B 36 -13.83 17.17 -4.26
C THR B 36 -13.14 15.91 -4.75
N TYR B 37 -13.76 14.77 -4.52
CA TYR B 37 -13.23 13.49 -5.01
C TYR B 37 -14.30 12.88 -5.91
N ILE B 38 -13.91 12.63 -7.16
CA ILE B 38 -14.79 12.11 -8.20
C ILE B 38 -14.34 10.71 -8.63
N ALA B 39 -15.25 9.75 -8.55
CA ALA B 39 -14.93 8.37 -8.92
C ALA B 39 -16.10 7.65 -9.64
N THR B 40 -15.75 6.66 -10.46
CA THR B 40 -16.70 5.82 -11.21
C THR B 40 -17.50 4.89 -10.28
N VAL B 41 -18.66 4.41 -10.75
CA VAL B 41 -19.40 3.26 -10.14
C VAL B 41 -20.16 2.45 -11.22
N GLU B 47 -20.83 5.93 -15.11
CA GLU B 47 -21.57 6.57 -14.02
C GLU B 47 -20.58 7.06 -12.94
N ILE B 48 -20.76 8.31 -12.53
CA ILE B 48 -19.79 9.13 -11.77
C ILE B 48 -20.42 9.85 -10.55
N LYS B 49 -19.77 9.76 -9.39
CA LYS B 49 -20.25 10.46 -8.17
C LYS B 49 -19.19 11.41 -7.58
N GLU B 50 -19.65 12.60 -7.17
CA GLU B 50 -18.82 13.59 -6.53
C GLU B 50 -19.02 13.51 -5.04
N SER B 51 -17.93 13.50 -4.27
CA SER B 51 -18.02 13.56 -2.80
C SER B 51 -17.00 14.58 -2.21
N PRO B 52 -17.34 15.25 -1.09
CA PRO B 52 -16.42 16.22 -0.51
C PRO B 52 -15.26 15.61 0.23
N LEU B 53 -14.18 16.38 0.34
CA LEU B 53 -13.03 16.04 1.15
C LEU B 53 -12.57 17.31 1.87
N HIS B 54 -12.18 17.15 3.14
CA HIS B 54 -11.57 18.20 3.96
C HIS B 54 -10.28 17.64 4.54
N GLY B 55 -9.24 18.45 4.60
CA GLY B 55 -7.94 17.98 5.02
C GLY B 55 -7.01 19.07 5.46
N THR B 56 -5.85 18.69 5.96
CA THR B 56 -4.76 19.62 6.27
C THR B 56 -3.42 19.18 5.70
N GLN B 57 -2.54 20.16 5.61
CA GLN B 57 -1.22 20.01 5.05
C GLN B 57 -0.27 20.63 6.08
N ASN B 58 0.90 20.04 6.23
CA ASN B 58 1.81 20.51 7.24
C ASN B 58 2.35 21.83 6.78
N THR B 59 2.50 22.76 7.71
CA THR B 59 3.18 24.01 7.46
C THR B 59 4.32 24.25 8.44
N ILE B 60 4.60 23.32 9.36
CA ILE B 60 5.83 23.38 10.17
C ILE B 60 7.04 23.32 9.26
N ASN B 61 7.92 24.29 9.46
CA ASN B 61 9.09 24.50 8.62
C ASN B 61 8.86 24.75 7.12
N LYS B 62 7.62 25.00 6.68
CA LYS B 62 7.32 25.38 5.29
C LYS B 62 8.17 24.52 4.34
N ARG B 63 7.92 23.23 4.39
CA ARG B 63 8.71 22.32 3.59
C ARG B 63 8.25 22.40 2.16
N THR B 64 9.20 22.29 1.25
CA THR B 64 8.83 22.25 -0.15
C THR B 64 8.00 21.02 -0.46
N GLN B 65 8.17 19.93 0.30
CA GLN B 65 7.47 18.67 0.04
C GLN B 65 6.64 18.20 1.25
N PRO B 66 5.54 18.90 1.54
CA PRO B 66 4.85 18.67 2.81
C PRO B 66 4.10 17.34 2.90
N THR B 67 4.00 16.83 4.13
CA THR B 67 3.07 15.75 4.44
C THR B 67 1.70 16.34 4.53
N PHE B 68 0.68 15.49 4.42
CA PHE B 68 -0.69 15.98 4.44
C PHE B 68 -1.67 14.86 4.76
N GLY B 69 -2.92 15.23 4.98
CA GLY B 69 -3.98 14.27 5.25
C GLY B 69 -5.35 14.81 4.91
N PHE B 70 -6.26 13.91 4.54
CA PHE B 70 -7.64 14.30 4.30
C PHE B 70 -8.59 13.13 4.45
N THR B 71 -9.86 13.47 4.67
CA THR B 71 -10.98 12.54 4.83
C THR B 71 -11.97 12.76 3.67
N VAL B 72 -12.42 11.68 3.05
CA VAL B 72 -13.40 11.76 1.97
C VAL B 72 -14.64 11.20 2.57
N ASN B 73 -15.71 12.00 2.53
CA ASN B 73 -16.98 11.64 3.11
C ASN B 73 -17.96 11.22 2.01
N TRP B 74 -17.84 9.98 1.58
CA TRP B 74 -18.54 9.44 0.42
C TRP B 74 -20.05 9.67 0.48
N LYS B 75 -20.62 10.21 -0.60
CA LYS B 75 -22.05 10.62 -0.61
C LYS B 75 -23.08 9.54 -0.93
N PHE B 76 -22.61 8.37 -1.36
CA PHE B 76 -23.47 7.32 -1.90
C PHE B 76 -23.31 6.07 -1.02
N SER B 77 -22.88 6.27 0.22
CA SER B 77 -22.32 5.19 0.99
C SER B 77 -22.06 5.63 2.41
N GLU B 78 -22.24 4.68 3.33
CA GLU B 78 -22.02 4.91 4.75
C GLU B 78 -20.54 4.90 5.15
N SER B 79 -19.66 4.60 4.20
CA SER B 79 -18.23 4.54 4.52
C SER B 79 -17.55 5.89 4.57
N THR B 80 -16.36 5.87 5.16
CA THR B 80 -15.46 7.01 5.18
C THR B 80 -14.04 6.50 4.82
N THR B 81 -13.33 7.28 4.01
CA THR B 81 -11.94 6.99 3.68
C THR B 81 -11.04 8.11 4.20
N VAL B 82 -9.87 7.71 4.71
CA VAL B 82 -8.81 8.65 5.04
C VAL B 82 -7.54 8.34 4.22
N PHE B 83 -6.86 9.41 3.80
CA PHE B 83 -5.63 9.38 3.01
C PHE B 83 -4.61 10.21 3.75
N THR B 84 -3.37 9.77 3.71
CA THR B 84 -2.27 10.61 4.17
C THR B 84 -1.09 10.29 3.28
N GLY B 85 -0.12 11.19 3.29
CA GLY B 85 0.97 11.11 2.33
C GLY B 85 1.83 12.33 2.28
N GLN B 86 2.66 12.39 1.25
CA GLN B 86 3.59 13.49 1.03
C GLN B 86 3.55 13.95 -0.44
N CYS B 87 3.54 15.26 -0.62
CA CYS B 87 3.61 15.89 -1.93
C CYS B 87 5.08 15.93 -2.30
N PHE B 88 5.49 15.20 -3.32
CA PHE B 88 6.90 15.14 -3.79
C PHE B 88 7.16 15.87 -5.11
N ILE B 89 8.42 16.28 -5.33
CA ILE B 89 9.02 16.68 -6.65
C ILE B 89 10.09 15.63 -7.12
N ASP B 90 10.04 15.13 -8.37
CA ASP B 90 10.67 13.80 -8.76
C ASP B 90 12.10 13.74 -9.37
N GLY B 93 11.08 17.61 -11.32
CA GLY B 93 10.27 18.79 -11.71
C GLY B 93 8.76 18.57 -11.58
N LYS B 94 8.30 17.38 -11.98
CA LYS B 94 6.88 16.99 -11.90
C LYS B 94 6.42 16.69 -10.43
N GLU B 95 5.19 17.08 -10.12
CA GLU B 95 4.56 16.87 -8.80
C GLU B 95 3.82 15.52 -8.72
N VAL B 96 4.01 14.79 -7.59
CA VAL B 96 3.30 13.51 -7.30
C VAL B 96 2.99 13.32 -5.80
N LEU B 97 1.73 12.95 -5.52
CA LEU B 97 1.29 12.62 -4.16
C LEU B 97 1.37 11.12 -4.01
N LYS B 98 2.31 10.67 -3.18
CA LYS B 98 2.39 9.27 -2.72
C LYS B 98 1.47 9.15 -1.50
N THR B 99 0.39 8.39 -1.59
CA THR B 99 -0.51 8.21 -0.46
C THR B 99 -0.69 6.78 0.00
N MET B 100 -1.17 6.67 1.23
CA MET B 100 -1.75 5.45 1.72
C MET B 100 -3.08 5.79 2.34
N TRP B 101 -3.97 4.83 2.41
CA TRP B 101 -5.32 5.09 2.85
C TRP B 101 -5.91 3.99 3.72
N LEU B 102 -6.91 4.40 4.52
CA LEU B 102 -7.72 3.47 5.27
C LEU B 102 -9.15 3.70 4.88
N LEU B 103 -9.81 2.68 4.38
CA LEU B 103 -11.26 2.68 4.09
C LEU B 103 -12.07 1.99 5.20
N ARG B 104 -12.96 2.74 5.82
CA ARG B 104 -13.73 2.28 6.97
C ARG B 104 -15.12 1.95 6.50
N SER B 105 -15.53 0.71 6.65
CA SER B 105 -16.89 0.33 6.38
C SER B 105 -17.68 0.47 7.63
N SER B 106 -18.99 0.56 7.42
CA SER B 106 -19.98 0.60 8.47
C SER B 106 -20.31 -0.84 8.79
N VAL B 107 -20.30 -1.19 10.07
CA VAL B 107 -20.76 -2.53 10.52
C VAL B 107 -21.78 -2.33 11.63
N ASN B 108 -22.73 -3.24 11.74
CA ASN B 108 -23.88 -2.98 12.59
C ASN B 108 -23.65 -3.14 14.10
N ASP B 109 -22.56 -3.78 14.51
CA ASP B 109 -22.37 -4.11 15.90
C ASP B 109 -20.90 -4.15 16.23
N ILE B 110 -20.55 -3.63 17.40
CA ILE B 110 -19.16 -3.41 17.81
C ILE B 110 -18.22 -4.62 17.68
N GLY B 111 -18.77 -5.83 17.80
CA GLY B 111 -18.00 -7.07 17.71
C GLY B 111 -17.67 -7.52 16.30
N ASP B 112 -18.23 -6.84 15.30
CA ASP B 112 -17.78 -6.95 13.91
C ASP B 112 -16.73 -5.90 13.49
N ASP B 113 -16.26 -5.10 14.44
CA ASP B 113 -15.33 -4.02 14.13
C ASP B 113 -14.06 -4.50 13.45
N TRP B 114 -13.59 -5.69 13.86
CA TRP B 114 -12.34 -6.28 13.36
C TRP B 114 -12.16 -6.32 11.84
N LYS B 115 -13.27 -6.35 11.09
CA LYS B 115 -13.29 -6.49 9.62
C LYS B 115 -13.74 -5.22 8.86
N ALA B 116 -13.85 -4.14 9.61
CA ALA B 116 -14.40 -2.91 9.09
C ALA B 116 -13.38 -2.07 8.37
N THR B 117 -12.09 -2.44 8.38
CA THR B 117 -11.02 -1.57 7.89
C THR B 117 -10.09 -2.19 6.85
N ARG B 118 -10.22 -1.66 5.64
CA ARG B 118 -9.30 -1.91 4.54
C ARG B 118 -8.19 -0.85 4.40
N VAL B 119 -7.03 -1.30 3.92
CA VAL B 119 -5.92 -0.42 3.72
C VAL B 119 -5.42 -0.53 2.26
N GLY B 120 -4.86 0.55 1.76
CA GLY B 120 -4.15 0.52 0.52
C GLY B 120 -3.37 1.77 0.18
N TYR B 121 -3.14 1.95 -1.11
CA TYR B 121 -2.34 3.07 -1.59
C TYR B 121 -2.92 3.69 -2.86
N ASN B 122 -2.32 4.80 -3.24
CA ASN B 122 -2.71 5.51 -4.43
C ASN B 122 -1.60 6.47 -4.75
N ILE B 123 -1.27 6.59 -6.03
CA ILE B 123 -0.34 7.61 -6.52
C ILE B 123 -1.15 8.62 -7.33
N PHE B 124 -1.03 9.90 -7.01
CA PHE B 124 -1.68 10.97 -7.77
C PHE B 124 -0.67 11.79 -8.57
N THR B 125 -1.10 12.32 -9.72
CA THR B 125 -0.29 13.26 -10.52
C THR B 125 -1.25 14.24 -11.14
N ARG B 126 -0.71 15.32 -11.67
CA ARG B 126 -1.51 16.46 -12.15
C ARG B 126 -2.29 16.14 -13.40
N LEU B 127 -3.49 16.73 -13.54
CA LEU B 127 -4.13 16.90 -14.87
C LEU B 127 -3.48 18.05 -15.66
C1 STR C . 16.74 -2.51 3.03
C2 STR C . 17.41 -1.34 3.71
C3 STR C . 17.57 -1.54 5.21
O3 STR C . 18.41 -0.87 5.80
C4 STR C . 16.74 -2.49 5.97
C5 STR C . 15.83 -3.30 5.37
C6 STR C . 14.93 -4.13 6.27
C7 STR C . 13.45 -4.02 5.83
C8 STR C . 13.18 -3.96 4.30
C9 STR C . 14.17 -2.97 3.58
C10 STR C . 15.66 -3.35 3.83
C11 STR C . 13.80 -2.68 2.09
C12 STR C . 12.31 -2.44 1.80
C13 STR C . 11.41 -3.53 2.42
C14 STR C . 11.70 -3.63 3.93
C15 STR C . 10.54 -4.49 4.45
C16 STR C . 9.38 -4.11 3.54
C17 STR C . 9.93 -3.17 2.44
C18 STR C . 11.62 -4.88 1.67
C19 STR C . 15.90 -4.82 3.35
C20 STR C . 9.27 -3.18 1.04
O20 STR C . 8.62 -4.13 0.65
C21 STR C . 9.45 -1.98 0.13
C1 STR D . -15.48 2.61 -5.98
C2 STR D . -16.94 2.30 -6.34
C3 STR D . -17.80 2.07 -5.12
O3 STR D . -18.88 1.50 -5.21
C4 STR D . -17.36 2.56 -3.78
C5 STR D . -16.22 3.28 -3.61
C6 STR D . -15.95 3.90 -2.25
C7 STR D . -14.48 3.79 -1.84
C8 STR D . -13.47 4.13 -2.94
C9 STR D . -13.79 3.34 -4.23
C10 STR D . -15.24 3.55 -4.77
C11 STR D . -12.67 3.47 -5.31
C12 STR D . -11.25 3.18 -4.77
C13 STR D . -10.93 3.99 -3.51
C14 STR D . -12.04 3.78 -2.47
C15 STR D . -11.44 4.39 -1.19
C16 STR D . -9.96 4.04 -1.26
C17 STR D . -9.72 3.50 -2.69
C18 STR D . -10.73 5.48 -3.89
C19 STR D . -15.48 4.99 -5.20
C20 STR D . -8.40 3.88 -3.31
O20 STR D . -7.82 4.88 -2.90
C21 STR D . -7.81 3.05 -4.42
CL CL E . -16.98 -5.45 5.57
#